data_1Z38
#
_entry.id   1Z38
#
_cell.length_a   136.800
_cell.length_b   136.800
_cell.length_c   136.800
_cell.angle_alpha   90.00
_cell.angle_beta   90.00
_cell.angle_gamma   90.00
#
_symmetry.space_group_name_H-M   'P 41 3 2'
#
loop_
_entity.id
_entity.type
_entity.pdbx_description
1 polymer 'purine nucleoside phosphorylase'
2 non-polymer INOSINE
3 water water
#
_entity_poly.entity_id   1
_entity_poly.type   'polypeptide(L)'
_entity_poly.pdbx_seq_one_letter_code
;ATPHNSAQVGDFAETVLMCGDPLRAKLIAETYLENPKLVNNVRGIQGYTGTYKGKPISVMGHGMGLPSICIYAEELYSTY
KVKTIIRVGTCGAIDMDIHTRDIVIFTSAGTNSKINRIRFMDHDYPATASFDVVCALVDAAKELNIPAKVGKGFSTDLFY
NPQTELAQLMNKFHFLAVEMESAGLFPIADLYGARAGCICTVSDHILHHEETTAEERQNSFQNMMKIALEAAIKL
;
_entity_poly.pdbx_strand_id   A
#
loop_
_chem_comp.id
_chem_comp.type
_chem_comp.name
_chem_comp.formula
NOS non-polymer INOSINE 'C10 H12 N4 O5'
#
# COMPACT_ATOMS: atom_id res chain seq x y z
N ALA A 1 -19.15 -13.23 5.32
CA ALA A 1 -19.51 -12.72 3.97
C ALA A 1 -18.63 -13.34 2.89
N THR A 2 -17.32 -13.39 3.14
CA THR A 2 -16.39 -13.99 2.19
C THR A 2 -15.52 -15.01 2.91
N PRO A 3 -14.75 -15.81 2.14
CA PRO A 3 -13.89 -16.82 2.77
C PRO A 3 -12.79 -16.21 3.65
N HIS A 4 -12.54 -14.91 3.50
CA HIS A 4 -11.48 -14.27 4.28
C HIS A 4 -11.94 -13.06 5.09
N ASN A 5 -13.25 -12.81 5.07
CA ASN A 5 -13.80 -11.64 5.78
C ASN A 5 -15.15 -12.01 6.37
N SER A 6 -15.27 -11.91 7.70
CA SER A 6 -16.51 -12.23 8.39
C SER A 6 -17.46 -11.03 8.46
N ALA A 7 -16.94 -9.84 8.15
CA ALA A 7 -17.74 -8.62 8.20
C ALA A 7 -18.82 -8.64 7.14
N GLN A 8 -19.76 -7.71 7.26
CA GLN A 8 -20.84 -7.61 6.29
C GLN A 8 -20.78 -6.26 5.59
N VAL A 9 -21.47 -6.15 4.46
CA VAL A 9 -21.49 -4.92 3.69
C VAL A 9 -21.90 -3.76 4.59
N GLY A 10 -21.03 -2.77 4.69
CA GLY A 10 -21.30 -1.61 5.53
C GLY A 10 -20.38 -1.52 6.73
N ASP A 11 -19.73 -2.64 7.07
CA ASP A 11 -18.83 -2.65 8.22
C ASP A 11 -17.52 -1.91 7.93
N PHE A 12 -17.15 -1.85 6.65
CA PHE A 12 -15.93 -1.17 6.24
C PHE A 12 -16.25 0.21 5.67
N ALA A 13 -15.37 1.18 5.95
CA ALA A 13 -15.52 2.53 5.45
C ALA A 13 -15.24 2.46 3.95
N GLU A 14 -15.51 3.54 3.21
CA GLU A 14 -15.26 3.51 1.77
C GLU A 14 -13.78 3.69 1.47
N THR A 15 -13.03 4.09 2.50
CA THR A 15 -11.59 4.29 2.38
C THR A 15 -10.90 3.35 3.36
N VAL A 16 -9.99 2.53 2.88
CA VAL A 16 -9.28 1.60 3.75
C VAL A 16 -7.77 1.68 3.62
N LEU A 17 -7.09 1.74 4.76
CA LEU A 17 -5.64 1.76 4.77
C LEU A 17 -5.23 0.32 5.01
N MET A 18 -4.21 -0.15 4.30
CA MET A 18 -3.76 -1.52 4.47
C MET A 18 -2.24 -1.62 4.54
N CYS A 19 -1.79 -2.56 5.35
CA CYS A 19 -0.36 -2.83 5.53
C CYS A 19 -0.22 -4.34 5.66
N GLY A 20 0.95 -4.86 5.35
CA GLY A 20 1.17 -6.29 5.43
C GLY A 20 1.05 -6.85 6.82
N ASP A 21 1.70 -6.19 7.79
CA ASP A 21 1.68 -6.63 9.18
C ASP A 21 0.34 -6.36 9.88
N PRO A 22 -0.38 -7.43 10.27
CA PRO A 22 -1.68 -7.31 10.95
C PRO A 22 -1.55 -6.61 12.30
N LEU A 23 -0.41 -6.78 12.96
CA LEU A 23 -0.18 -6.16 14.25
C LEU A 23 0.03 -4.66 14.07
N ARG A 24 0.53 -4.28 12.90
CA ARG A 24 0.76 -2.88 12.59
C ARG A 24 -0.61 -2.24 12.32
N ALA A 25 -1.51 -3.01 11.71
CA ALA A 25 -2.85 -2.52 11.42
C ALA A 25 -3.62 -2.29 12.72
N LYS A 26 -3.37 -3.16 13.70
CA LYS A 26 -4.02 -3.05 14.99
C LYS A 26 -3.46 -1.84 15.73
N LEU A 27 -2.14 -1.65 15.64
CA LEU A 27 -1.48 -0.52 16.28
C LEU A 27 -2.03 0.78 15.70
N ILE A 28 -2.10 0.83 14.37
CA ILE A 28 -2.60 2.00 13.65
C ILE A 28 -4.03 2.34 14.09
N ALA A 29 -4.86 1.31 14.25
CA ALA A 29 -6.25 1.51 14.65
C ALA A 29 -6.36 2.07 16.07
N GLU A 30 -5.50 1.60 16.96
CA GLU A 30 -5.49 2.03 18.35
C GLU A 30 -4.81 3.37 18.52
N THR A 31 -3.82 3.65 17.67
CA THR A 31 -3.07 4.89 17.75
C THR A 31 -3.69 6.08 17.03
N TYR A 32 -4.20 5.87 15.83
CA TYR A 32 -4.76 6.98 15.05
C TYR A 32 -6.28 7.06 14.89
N LEU A 33 -6.99 5.98 15.19
CA LEU A 33 -8.43 6.00 15.02
C LEU A 33 -9.19 6.19 16.33
N GLU A 34 -10.38 6.76 16.23
CA GLU A 34 -11.21 6.98 17.41
C GLU A 34 -12.35 5.97 17.39
N ASN A 35 -12.54 5.28 18.52
CA ASN A 35 -13.58 4.27 18.64
C ASN A 35 -13.40 3.15 17.64
N PRO A 36 -12.15 2.68 17.44
CA PRO A 36 -11.91 1.59 16.49
C PRO A 36 -12.60 0.29 16.91
N LYS A 37 -13.39 -0.27 16.01
CA LYS A 37 -14.10 -1.51 16.27
C LYS A 37 -13.58 -2.62 15.35
N LEU A 38 -13.24 -3.77 15.92
CA LEU A 38 -12.74 -4.90 15.14
C LEU A 38 -13.90 -5.45 14.31
N VAL A 39 -13.79 -5.34 12.99
CA VAL A 39 -14.85 -5.81 12.10
C VAL A 39 -14.50 -7.10 11.36
N ASN A 40 -13.24 -7.51 11.42
CA ASN A 40 -12.82 -8.73 10.76
C ASN A 40 -11.48 -9.22 11.28
N ASN A 41 -11.45 -10.47 11.73
CA ASN A 41 -10.19 -11.03 12.21
C ASN A 41 -9.98 -12.45 11.70
N VAL A 42 -10.60 -12.76 10.57
CA VAL A 42 -10.42 -14.07 9.97
C VAL A 42 -8.93 -14.14 9.65
N ARG A 43 -8.30 -15.27 10.00
CA ARG A 43 -6.86 -15.45 9.78
C ARG A 43 -6.05 -14.36 10.49
N GLY A 44 -6.63 -13.81 11.55
CA GLY A 44 -5.96 -12.77 12.33
C GLY A 44 -5.55 -11.56 11.52
N ILE A 45 -6.30 -11.25 10.47
CA ILE A 45 -5.97 -10.13 9.59
C ILE A 45 -6.13 -8.73 10.22
N GLN A 46 -6.78 -8.67 11.38
CA GLN A 46 -6.98 -7.42 12.13
C GLN A 46 -7.66 -6.27 11.36
N GLY A 47 -8.87 -6.50 10.88
CA GLY A 47 -9.60 -5.46 10.17
C GLY A 47 -10.42 -4.61 11.12
N TYR A 48 -10.12 -3.32 11.18
CA TYR A 48 -10.83 -2.39 12.06
C TYR A 48 -11.52 -1.26 11.32
N THR A 49 -12.50 -0.66 11.99
CA THR A 49 -13.23 0.47 11.43
C THR A 49 -13.51 1.47 12.55
N GLY A 50 -13.12 2.72 12.30
CA GLY A 50 -13.32 3.77 13.27
C GLY A 50 -13.47 5.08 12.53
N THR A 51 -13.00 6.17 13.13
CA THR A 51 -13.08 7.47 12.48
C THR A 51 -11.84 8.30 12.71
N TYR A 52 -11.53 9.13 11.72
CA TYR A 52 -10.39 10.03 11.78
C TYR A 52 -10.97 11.39 11.44
N LYS A 53 -10.88 12.32 12.38
CA LYS A 53 -11.43 13.65 12.20
C LYS A 53 -12.90 13.54 11.79
N GLY A 54 -13.60 12.63 12.47
CA GLY A 54 -15.01 12.43 12.22
C GLY A 54 -15.41 11.56 11.03
N LYS A 55 -14.46 11.30 10.12
CA LYS A 55 -14.79 10.49 8.96
C LYS A 55 -14.46 9.01 9.11
N PRO A 56 -15.38 8.13 8.64
CA PRO A 56 -15.24 6.68 8.71
C PRO A 56 -13.98 6.24 7.97
N ILE A 57 -13.24 5.34 8.59
CA ILE A 57 -12.02 4.83 7.99
C ILE A 57 -11.67 3.48 8.57
N SER A 58 -11.30 2.55 7.71
CA SER A 58 -10.93 1.21 8.13
C SER A 58 -9.46 0.93 7.87
N VAL A 59 -8.90 0.04 8.68
CA VAL A 59 -7.51 -0.37 8.53
C VAL A 59 -7.48 -1.89 8.68
N MET A 60 -6.67 -2.54 7.84
CA MET A 60 -6.58 -4.00 7.88
C MET A 60 -5.29 -4.47 7.23
N GLY A 61 -4.84 -5.66 7.65
CA GLY A 61 -3.64 -6.21 7.08
C GLY A 61 -3.97 -6.82 5.72
N HIS A 62 -2.95 -7.13 4.93
CA HIS A 62 -3.17 -7.74 3.63
C HIS A 62 -2.13 -8.82 3.32
N GLY A 63 -1.37 -9.20 4.34
CA GLY A 63 -0.34 -10.23 4.16
C GLY A 63 0.78 -9.77 3.24
N MET A 64 1.71 -10.67 2.94
CA MET A 64 2.84 -10.32 2.07
C MET A 64 2.68 -10.99 0.71
N GLY A 65 2.94 -10.24 -0.36
CA GLY A 65 2.86 -10.79 -1.71
C GLY A 65 1.62 -10.42 -2.49
N LEU A 66 1.75 -10.34 -3.82
CA LEU A 66 0.62 -9.99 -4.67
C LEU A 66 -0.60 -10.89 -4.52
N PRO A 67 -0.38 -12.21 -4.44
CA PRO A 67 -1.53 -13.10 -4.30
C PRO A 67 -2.39 -12.78 -3.08
N SER A 68 -1.73 -12.45 -1.97
CA SER A 68 -2.41 -12.14 -0.72
C SER A 68 -3.24 -10.86 -0.80
N ILE A 69 -2.60 -9.75 -1.16
CA ILE A 69 -3.32 -8.51 -1.26
C ILE A 69 -4.38 -8.56 -2.38
N CYS A 70 -4.16 -9.41 -3.38
CA CYS A 70 -5.14 -9.53 -4.46
C CYS A 70 -6.46 -10.09 -3.95
N ILE A 71 -6.38 -10.98 -2.97
CA ILE A 71 -7.58 -11.58 -2.40
C ILE A 71 -8.37 -10.51 -1.61
N TYR A 72 -7.67 -9.84 -0.70
CA TYR A 72 -8.29 -8.82 0.14
C TYR A 72 -8.81 -7.61 -0.62
N ALA A 73 -8.02 -7.10 -1.57
CA ALA A 73 -8.44 -5.94 -2.34
C ALA A 73 -9.68 -6.23 -3.19
N GLU A 74 -9.66 -7.35 -3.90
CA GLU A 74 -10.81 -7.71 -4.74
C GLU A 74 -12.10 -7.87 -3.93
N GLU A 75 -12.00 -8.46 -2.74
CA GLU A 75 -13.18 -8.65 -1.90
C GLU A 75 -13.73 -7.33 -1.36
N LEU A 76 -12.82 -6.41 -1.03
CA LEU A 76 -13.20 -5.12 -0.49
C LEU A 76 -13.92 -4.26 -1.52
N TYR A 77 -13.45 -4.25 -2.76
CA TYR A 77 -14.09 -3.45 -3.80
C TYR A 77 -15.39 -4.10 -4.26
N SER A 78 -15.36 -5.40 -4.42
CA SER A 78 -16.51 -6.15 -4.91
C SER A 78 -17.64 -6.37 -3.91
N THR A 79 -17.32 -6.87 -2.74
CA THR A 79 -18.32 -7.16 -1.74
C THR A 79 -18.63 -6.04 -0.75
N TYR A 80 -17.60 -5.41 -0.22
CA TYR A 80 -17.80 -4.36 0.76
C TYR A 80 -17.93 -2.96 0.20
N LYS A 81 -18.03 -2.86 -1.12
CA LYS A 81 -18.21 -1.59 -1.82
C LYS A 81 -17.21 -0.50 -1.45
N VAL A 82 -16.00 -0.90 -1.08
CA VAL A 82 -14.95 0.06 -0.75
C VAL A 82 -14.59 0.83 -2.03
N LYS A 83 -14.23 2.10 -1.86
CA LYS A 83 -13.89 2.96 -3.00
C LYS A 83 -12.40 3.24 -3.14
N THR A 84 -11.73 3.42 -2.00
CA THR A 84 -10.32 3.75 -2.00
C THR A 84 -9.50 2.92 -1.04
N ILE A 85 -8.40 2.37 -1.55
CA ILE A 85 -7.49 1.60 -0.73
C ILE A 85 -6.11 2.24 -0.82
N ILE A 86 -5.59 2.65 0.32
CA ILE A 86 -4.25 3.24 0.34
C ILE A 86 -3.33 2.26 1.05
N ARG A 87 -2.33 1.78 0.34
CA ARG A 87 -1.37 0.86 0.94
C ARG A 87 -0.32 1.66 1.70
N VAL A 88 -0.14 1.29 2.96
CA VAL A 88 0.82 1.94 3.83
C VAL A 88 1.79 0.87 4.31
N GLY A 89 3.08 1.09 4.14
CA GLY A 89 4.02 0.07 4.58
C GLY A 89 5.48 0.42 4.53
N THR A 90 6.31 -0.61 4.47
CA THR A 90 7.76 -0.45 4.42
C THR A 90 8.23 -0.96 3.06
N CYS A 91 9.46 -0.61 2.69
CA CYS A 91 10.01 -1.06 1.42
C CYS A 91 11.53 -1.01 1.44
N GLY A 92 12.16 -1.64 0.45
CA GLY A 92 13.61 -1.66 0.37
C GLY A 92 14.10 -0.74 -0.74
N ALA A 93 14.93 0.25 -0.37
CA ALA A 93 15.44 1.20 -1.34
C ALA A 93 16.26 0.53 -2.43
N ILE A 94 16.13 1.04 -3.65
CA ILE A 94 16.86 0.52 -4.79
C ILE A 94 17.81 1.61 -5.28
N ASP A 95 17.22 2.72 -5.72
CA ASP A 95 17.96 3.85 -6.23
C ASP A 95 19.02 4.34 -5.24
N MET A 96 20.22 4.59 -5.74
CA MET A 96 21.34 5.07 -4.92
C MET A 96 21.07 6.41 -4.26
N ASP A 97 20.11 7.17 -4.78
CA ASP A 97 19.79 8.47 -4.21
C ASP A 97 18.72 8.39 -3.13
N ILE A 98 18.17 7.19 -2.94
CA ILE A 98 17.14 6.97 -1.93
C ILE A 98 17.83 6.33 -0.73
N HIS A 99 17.46 6.77 0.47
CA HIS A 99 18.07 6.24 1.68
C HIS A 99 17.05 5.75 2.70
N THR A 100 17.53 4.96 3.64
CA THR A 100 16.67 4.41 4.69
C THR A 100 15.97 5.56 5.41
N ARG A 101 14.68 5.38 5.67
CA ARG A 101 13.84 6.35 6.35
C ARG A 101 13.15 7.33 5.40
N ASP A 102 13.54 7.34 4.14
CA ASP A 102 12.87 8.22 3.19
C ASP A 102 11.44 7.71 3.00
N ILE A 103 10.55 8.61 2.61
CA ILE A 103 9.16 8.25 2.37
C ILE A 103 8.98 8.27 0.85
N VAL A 104 8.40 7.21 0.32
CA VAL A 104 8.20 7.09 -1.11
C VAL A 104 6.74 6.93 -1.49
N ILE A 105 6.31 7.71 -2.47
CA ILE A 105 4.94 7.63 -2.97
C ILE A 105 5.04 7.05 -4.38
N PHE A 106 4.46 5.87 -4.57
CA PHE A 106 4.50 5.20 -5.86
C PHE A 106 3.56 5.74 -6.91
N THR A 107 4.10 6.03 -8.09
CA THR A 107 3.30 6.51 -9.21
C THR A 107 2.77 5.24 -9.85
N SER A 108 3.59 4.20 -9.79
CA SER A 108 3.28 2.91 -10.38
C SER A 108 4.23 1.85 -9.82
N ALA A 109 4.04 0.61 -10.23
CA ALA A 109 4.90 -0.46 -9.75
C ALA A 109 5.16 -1.52 -10.80
N GLY A 110 6.41 -1.93 -10.94
CA GLY A 110 6.77 -2.97 -11.88
C GLY A 110 6.67 -4.27 -11.09
N THR A 111 6.84 -5.41 -11.74
CA THR A 111 6.77 -6.67 -11.03
C THR A 111 7.38 -7.82 -11.82
N ASN A 112 7.77 -8.88 -11.11
CA ASN A 112 8.32 -10.05 -11.76
C ASN A 112 7.28 -11.17 -11.62
N SER A 113 6.08 -10.78 -11.20
CA SER A 113 4.95 -11.68 -11.04
C SER A 113 4.30 -11.89 -12.42
N LYS A 114 3.53 -12.97 -12.56
CA LYS A 114 2.84 -13.24 -13.82
C LYS A 114 1.36 -12.83 -13.79
N ILE A 115 0.89 -12.42 -12.62
CA ILE A 115 -0.53 -12.04 -12.44
C ILE A 115 -1.11 -11.07 -13.45
N ASN A 116 -0.42 -9.96 -13.71
CA ASN A 116 -0.93 -8.98 -14.65
C ASN A 116 -0.90 -9.48 -16.08
N ARG A 117 0.05 -10.35 -16.39
CA ARG A 117 0.13 -10.91 -17.74
C ARG A 117 -1.07 -11.84 -17.92
N ILE A 118 -1.44 -12.53 -16.84
CA ILE A 118 -2.58 -13.44 -16.88
C ILE A 118 -3.89 -12.67 -17.12
N ARG A 119 -4.05 -11.52 -16.47
CA ARG A 119 -5.27 -10.75 -16.66
C ARG A 119 -5.26 -9.84 -17.89
N PHE A 120 -4.08 -9.63 -18.48
CA PHE A 120 -3.97 -8.74 -19.63
C PHE A 120 -3.51 -9.40 -20.93
N MET A 121 -4.01 -10.60 -21.20
CA MET A 121 -3.67 -11.34 -22.42
C MET A 121 -2.18 -11.41 -22.71
N ASP A 122 -1.39 -11.64 -21.67
CA ASP A 122 0.06 -11.76 -21.79
C ASP A 122 0.76 -10.50 -22.31
N HIS A 123 0.16 -9.33 -22.14
CA HIS A 123 0.82 -8.10 -22.57
C HIS A 123 1.34 -7.33 -21.36
N ASP A 124 1.90 -6.14 -21.59
CA ASP A 124 2.42 -5.34 -20.50
C ASP A 124 1.33 -4.42 -19.92
N TYR A 125 0.91 -4.71 -18.70
CA TYR A 125 -0.08 -3.89 -18.04
C TYR A 125 0.71 -2.97 -17.12
N PRO A 126 0.50 -1.66 -17.22
CA PRO A 126 1.25 -0.77 -16.34
C PRO A 126 0.49 -0.59 -15.02
N ALA A 127 0.92 -1.30 -13.98
CA ALA A 127 0.27 -1.19 -12.68
C ALA A 127 0.49 0.25 -12.23
N THR A 128 -0.52 1.08 -12.43
CA THR A 128 -0.45 2.50 -12.12
C THR A 128 -1.34 2.89 -10.94
N ALA A 129 -0.79 3.67 -10.02
CA ALA A 129 -1.56 4.13 -8.87
C ALA A 129 -2.58 5.13 -9.42
N SER A 130 -3.76 5.19 -8.81
CA SER A 130 -4.80 6.12 -9.24
C SER A 130 -4.28 7.55 -9.12
N PHE A 131 -4.39 8.32 -10.20
CA PHE A 131 -3.90 9.69 -10.19
C PHE A 131 -4.47 10.53 -9.04
N ASP A 132 -5.74 10.32 -8.70
CA ASP A 132 -6.36 11.06 -7.59
C ASP A 132 -5.64 10.76 -6.29
N VAL A 133 -5.33 9.49 -6.07
CA VAL A 133 -4.67 9.06 -4.85
C VAL A 133 -3.22 9.58 -4.81
N VAL A 134 -2.52 9.51 -5.94
CA VAL A 134 -1.15 10.00 -5.97
C VAL A 134 -1.17 11.48 -5.61
N CYS A 135 -2.08 12.23 -6.24
CA CYS A 135 -2.21 13.65 -5.96
C CYS A 135 -2.55 13.94 -4.51
N ALA A 136 -3.51 13.21 -3.95
CA ALA A 136 -3.90 13.42 -2.56
C ALA A 136 -2.72 13.17 -1.63
N LEU A 137 -1.90 12.16 -1.94
CA LEU A 137 -0.75 11.84 -1.11
C LEU A 137 0.34 12.92 -1.23
N VAL A 138 0.58 13.40 -2.44
CA VAL A 138 1.58 14.43 -2.67
C VAL A 138 1.14 15.77 -2.05
N ASP A 139 -0.13 16.12 -2.20
CA ASP A 139 -0.63 17.37 -1.62
C ASP A 139 -0.56 17.28 -0.10
N ALA A 140 -0.93 16.11 0.44
CA ALA A 140 -0.89 15.92 1.88
C ALA A 140 0.56 16.12 2.33
N ALA A 141 1.49 15.57 1.56
CA ALA A 141 2.91 15.70 1.87
C ALA A 141 3.36 17.16 1.78
N LYS A 142 2.86 17.88 0.78
CA LYS A 142 3.22 19.28 0.62
C LYS A 142 2.63 20.15 1.72
N GLU A 143 1.37 19.89 2.09
CA GLU A 143 0.70 20.65 3.13
C GLU A 143 1.35 20.41 4.49
N LEU A 144 1.74 19.16 4.77
CA LEU A 144 2.38 18.83 6.03
C LEU A 144 3.86 19.18 5.89
N ASN A 145 4.26 19.55 4.68
CA ASN A 145 5.63 19.92 4.37
C ASN A 145 6.62 18.82 4.78
N ILE A 146 6.27 17.58 4.43
CA ILE A 146 7.09 16.42 4.73
C ILE A 146 7.72 15.93 3.41
N PRO A 147 9.05 15.94 3.32
CA PRO A 147 9.76 15.50 2.12
C PRO A 147 9.37 14.07 1.73
N ALA A 148 9.02 13.88 0.47
CA ALA A 148 8.63 12.55 0.01
C ALA A 148 9.07 12.40 -1.44
N LYS A 149 9.56 11.22 -1.78
CA LYS A 149 9.98 10.96 -3.14
C LYS A 149 8.84 10.30 -3.89
N VAL A 150 8.60 10.75 -5.12
CA VAL A 150 7.53 10.21 -5.94
C VAL A 150 8.14 9.51 -7.16
N GLY A 151 7.71 8.27 -7.39
CA GLY A 151 8.24 7.53 -8.52
C GLY A 151 7.87 6.06 -8.54
N LYS A 152 8.55 5.31 -9.42
CA LYS A 152 8.31 3.88 -9.60
C LYS A 152 8.74 2.98 -8.46
N GLY A 153 7.89 2.01 -8.17
CA GLY A 153 8.20 1.03 -7.16
C GLY A 153 8.29 -0.30 -7.90
N PHE A 154 8.68 -1.35 -7.20
CA PHE A 154 8.78 -2.66 -7.82
C PHE A 154 8.23 -3.67 -6.83
N SER A 155 7.25 -4.45 -7.27
CA SER A 155 6.62 -5.46 -6.44
C SER A 155 7.23 -6.80 -6.82
N THR A 156 8.06 -7.34 -5.93
CA THR A 156 8.69 -8.61 -6.21
C THR A 156 7.93 -9.79 -5.63
N ASP A 157 8.09 -10.94 -6.28
CA ASP A 157 7.47 -12.18 -5.83
C ASP A 157 8.53 -12.89 -4.98
N LEU A 158 9.76 -12.42 -5.08
CA LEU A 158 10.87 -13.01 -4.36
C LEU A 158 11.63 -12.05 -3.45
N PHE A 159 11.28 -12.05 -2.16
CA PHE A 159 11.97 -11.20 -1.20
C PHE A 159 13.46 -11.53 -1.35
N TYR A 160 13.78 -12.83 -1.36
CA TYR A 160 15.14 -13.29 -1.56
C TYR A 160 15.27 -13.59 -3.06
N ASN A 161 15.62 -12.55 -3.83
CA ASN A 161 15.72 -12.65 -5.27
C ASN A 161 16.99 -13.32 -5.80
N PRO A 162 16.83 -14.45 -6.52
CA PRO A 162 17.96 -15.18 -7.10
C PRO A 162 18.66 -14.35 -8.18
N GLN A 163 17.90 -13.53 -8.89
CA GLN A 163 18.45 -12.69 -9.95
C GLN A 163 19.10 -11.44 -9.37
N THR A 164 20.33 -11.60 -8.90
CA THR A 164 21.08 -10.52 -8.28
C THR A 164 21.38 -9.32 -9.17
N GLU A 165 21.34 -9.50 -10.49
CA GLU A 165 21.61 -8.39 -11.40
C GLU A 165 20.42 -7.44 -11.53
N LEU A 166 19.23 -7.90 -11.17
CA LEU A 166 18.04 -7.08 -11.28
C LEU A 166 18.14 -5.78 -10.49
N ALA A 167 18.76 -5.87 -9.32
CA ALA A 167 18.93 -4.73 -8.43
C ALA A 167 19.62 -3.56 -9.11
N GLN A 168 20.74 -3.82 -9.79
CA GLN A 168 21.46 -2.75 -10.47
C GLN A 168 20.67 -2.28 -11.69
N LEU A 169 19.95 -3.18 -12.33
CA LEU A 169 19.17 -2.81 -13.50
C LEU A 169 18.08 -1.81 -13.07
N MET A 170 17.48 -2.06 -11.92
CA MET A 170 16.44 -1.17 -11.42
C MET A 170 17.02 0.17 -10.98
N ASN A 171 18.28 0.17 -10.57
CA ASN A 171 18.91 1.40 -10.15
C ASN A 171 19.16 2.26 -11.39
N LYS A 172 19.56 1.62 -12.48
CA LYS A 172 19.80 2.35 -13.73
C LYS A 172 18.51 2.97 -14.25
N PHE A 173 17.38 2.30 -14.03
CA PHE A 173 16.10 2.82 -14.50
C PHE A 173 15.40 3.65 -13.43
N HIS A 174 16.10 3.82 -12.31
CA HIS A 174 15.62 4.63 -11.21
C HIS A 174 14.36 4.21 -10.46
N PHE A 175 14.18 2.90 -10.27
CA PHE A 175 13.04 2.45 -9.48
C PHE A 175 13.44 2.92 -8.08
N LEU A 176 12.49 3.49 -7.35
CA LEU A 176 12.77 4.00 -6.02
C LEU A 176 12.97 2.92 -4.95
N ALA A 177 12.02 1.99 -4.85
CA ALA A 177 12.13 0.94 -3.85
C ALA A 177 11.38 -0.34 -4.23
N VAL A 178 11.50 -1.35 -3.37
CA VAL A 178 10.86 -2.63 -3.59
C VAL A 178 9.94 -3.02 -2.45
N GLU A 179 8.77 -3.52 -2.81
CA GLU A 179 7.81 -4.02 -1.83
C GLU A 179 7.19 -5.26 -2.48
N MET A 180 6.00 -5.67 -2.06
CA MET A 180 5.44 -6.90 -2.63
C MET A 180 3.93 -6.92 -2.83
N GLU A 181 3.32 -5.76 -3.10
CA GLU A 181 1.88 -5.74 -3.25
C GLU A 181 1.29 -4.79 -4.29
N SER A 182 1.86 -3.59 -4.39
CA SER A 182 1.36 -2.58 -5.31
C SER A 182 0.98 -3.02 -6.71
N ALA A 183 1.88 -3.72 -7.40
CA ALA A 183 1.59 -4.17 -8.76
C ALA A 183 0.30 -5.01 -8.85
N GLY A 184 -0.06 -5.65 -7.75
CA GLY A 184 -1.26 -6.46 -7.75
C GLY A 184 -2.50 -5.64 -7.43
N LEU A 185 -2.36 -4.72 -6.48
CA LEU A 185 -3.44 -3.84 -6.05
C LEU A 185 -3.98 -2.91 -7.13
N PHE A 186 -3.08 -2.16 -7.77
CA PHE A 186 -3.49 -1.18 -8.77
C PHE A 186 -4.41 -1.68 -9.88
N PRO A 187 -4.05 -2.78 -10.55
CA PRO A 187 -4.95 -3.26 -11.62
C PRO A 187 -6.34 -3.64 -11.12
N ILE A 188 -6.43 -4.17 -9.90
CA ILE A 188 -7.72 -4.56 -9.33
C ILE A 188 -8.63 -3.34 -9.14
N ALA A 189 -8.06 -2.23 -8.67
CA ALA A 189 -8.82 -1.01 -8.48
C ALA A 189 -9.38 -0.58 -9.85
N ASP A 190 -8.54 -0.66 -10.88
CA ASP A 190 -8.95 -0.29 -12.24
C ASP A 190 -10.17 -1.11 -12.67
N LEU A 191 -10.06 -2.43 -12.51
CA LEU A 191 -11.14 -3.33 -12.90
C LEU A 191 -12.48 -3.01 -12.22
N TYR A 192 -12.43 -2.58 -10.96
CA TYR A 192 -13.64 -2.24 -10.22
C TYR A 192 -14.01 -0.76 -10.29
N GLY A 193 -13.33 -0.02 -11.16
CA GLY A 193 -13.61 1.40 -11.28
C GLY A 193 -13.39 2.15 -9.98
N ALA A 194 -12.56 1.57 -9.11
CA ALA A 194 -12.25 2.18 -7.82
C ALA A 194 -10.85 2.79 -7.82
N ARG A 195 -10.34 3.11 -6.63
CA ARG A 195 -9.03 3.75 -6.53
C ARG A 195 -8.05 3.09 -5.56
N ALA A 196 -6.76 3.21 -5.88
CA ALA A 196 -5.71 2.66 -5.05
C ALA A 196 -4.43 3.49 -5.13
N GLY A 197 -3.66 3.46 -4.06
CA GLY A 197 -2.41 4.20 -4.01
C GLY A 197 -1.51 3.51 -3.03
N CYS A 198 -0.24 3.94 -2.98
CA CYS A 198 0.70 3.34 -2.05
C CYS A 198 1.76 4.34 -1.61
N ILE A 199 2.09 4.29 -0.33
CA ILE A 199 3.12 5.13 0.24
C ILE A 199 3.89 4.25 1.23
N CYS A 200 5.22 4.30 1.15
CA CYS A 200 6.04 3.48 2.02
C CYS A 200 7.22 4.21 2.64
N THR A 201 7.71 3.66 3.72
CA THR A 201 8.86 4.23 4.41
C THR A 201 9.99 3.22 4.19
N VAL A 202 11.13 3.69 3.71
CA VAL A 202 12.27 2.83 3.46
C VAL A 202 12.87 2.29 4.76
N SER A 203 12.84 0.98 4.94
CA SER A 203 13.37 0.38 6.15
C SER A 203 14.84 -0.05 6.01
N ASP A 204 15.34 -0.07 4.78
CA ASP A 204 16.72 -0.43 4.51
C ASP A 204 17.03 -0.28 3.03
N HIS A 205 18.31 -0.36 2.67
CA HIS A 205 18.72 -0.25 1.28
C HIS A 205 19.26 -1.60 0.83
N ILE A 206 18.82 -2.08 -0.32
CA ILE A 206 19.25 -3.38 -0.81
C ILE A 206 20.63 -3.40 -1.46
N LEU A 207 21.12 -2.25 -1.90
CA LEU A 207 22.43 -2.20 -2.53
C LEU A 207 23.53 -1.95 -1.50
N HIS A 208 23.13 -1.66 -0.26
CA HIS A 208 24.05 -1.43 0.85
C HIS A 208 23.30 -1.11 2.13
N HIS A 209 23.46 -1.98 3.13
CA HIS A 209 22.80 -1.82 4.42
C HIS A 209 23.17 -0.52 5.12
N GLU A 210 22.15 0.20 5.59
CA GLU A 210 22.38 1.47 6.29
C GLU A 210 21.97 1.35 7.75
N GLU A 216 14.15 6.43 15.59
CA GLU A 216 14.33 7.18 14.35
C GLU A 216 13.47 6.62 13.22
N ARG A 217 13.28 5.30 13.23
CA ARG A 217 12.47 4.66 12.22
C ARG A 217 10.99 4.95 12.49
N GLN A 218 10.70 5.37 13.71
CA GLN A 218 9.33 5.70 14.11
C GLN A 218 8.89 7.02 13.52
N ASN A 219 9.71 8.05 13.67
CA ASN A 219 9.39 9.38 13.13
C ASN A 219 9.00 9.25 11.66
N SER A 220 9.82 8.53 10.91
CA SER A 220 9.58 8.33 9.50
C SER A 220 8.23 7.64 9.27
N PHE A 221 7.96 6.63 10.08
CA PHE A 221 6.71 5.90 9.97
C PHE A 221 5.50 6.75 10.36
N GLN A 222 5.65 7.55 11.41
CA GLN A 222 4.57 8.42 11.87
C GLN A 222 4.29 9.51 10.83
N ASN A 223 5.34 10.00 10.20
CA ASN A 223 5.19 11.02 9.17
C ASN A 223 4.45 10.44 7.97
N MET A 224 4.72 9.17 7.67
CA MET A 224 4.07 8.50 6.56
C MET A 224 2.59 8.32 6.87
N MET A 225 2.28 7.95 8.12
CA MET A 225 0.90 7.76 8.53
C MET A 225 0.12 9.07 8.42
N LYS A 226 0.74 10.17 8.81
CA LYS A 226 0.09 11.48 8.73
C LYS A 226 -0.29 11.76 7.28
N ILE A 227 0.64 11.54 6.37
CA ILE A 227 0.38 11.78 4.96
C ILE A 227 -0.78 10.93 4.45
N ALA A 228 -0.76 9.64 4.78
CA ALA A 228 -1.83 8.72 4.35
C ALA A 228 -3.18 9.11 4.95
N LEU A 229 -3.20 9.37 6.26
CA LEU A 229 -4.44 9.75 6.92
C LEU A 229 -5.00 11.06 6.38
N GLU A 230 -4.16 12.08 6.24
CA GLU A 230 -4.63 13.35 5.71
C GLU A 230 -5.13 13.18 4.28
N ALA A 231 -4.39 12.42 3.48
CA ALA A 231 -4.78 12.19 2.09
C ALA A 231 -6.11 11.44 2.02
N ALA A 232 -6.33 10.52 2.96
CA ALA A 232 -7.58 9.76 3.00
C ALA A 232 -8.75 10.72 3.17
N ILE A 233 -8.56 11.76 3.99
CA ILE A 233 -9.60 12.75 4.23
C ILE A 233 -9.86 13.54 2.95
N LYS A 234 -8.79 13.94 2.25
CA LYS A 234 -8.92 14.69 1.02
C LYS A 234 -9.66 13.91 -0.07
N LEU A 235 -9.69 12.59 0.05
CA LEU A 235 -10.34 11.76 -0.95
C LEU A 235 -11.80 11.43 -0.63
N9 NOS B . 9.11 -4.95 2.30
C4 NOS B . 9.82 -5.52 1.33
N3 NOS B . 9.50 -6.40 0.37
C2 NOS B . 10.39 -6.85 -0.49
N1 NOS B . 11.71 -6.41 -0.43
C6 NOS B . 12.09 -5.48 0.55
O6 NOS B . 13.25 -5.08 0.63
C5 NOS B . 11.12 -5.03 1.45
N7 NOS B . 11.14 -4.19 2.47
C8 NOS B . 9.92 -4.15 3.00
C5' NOS B . 8.76 -7.98 3.00
O5' NOS B . 9.45 -8.09 4.24
C4' NOS B . 7.40 -7.32 3.25
O4' NOS B . 7.49 -5.98 3.74
C1' NOS B . 7.66 -5.14 2.59
C2' NOS B . 6.90 -5.82 1.46
O2' NOS B . 5.71 -5.08 1.16
C3' NOS B . 6.52 -7.19 2.01
O3' NOS B . 5.15 -7.21 2.38
#